data_2ZZ1
#
_entry.id   2ZZ1
#
_cell.length_a   58.024
_cell.length_b   73.543
_cell.length_c   59.331
_cell.angle_alpha   90.00
_cell.angle_beta   119.29
_cell.angle_gamma   90.00
#
_symmetry.space_group_name_H-M   'P 1 21 1'
#
loop_
_entity.id
_entity.type
_entity.pdbx_description
1 polymer "Orotidine 5'-phosphate decarboxylase"
2 non-polymer "6-HYDROXYURIDINE-5'-PHOSPHATE"
3 non-polymer "6-cyanouridine 5'-phosphate"
4 non-polymer GLYCEROL
5 water water
#
_entity_poly.entity_id   1
_entity_poly.type   'polypeptide(L)'
_entity_poly.pdbx_seq_one_letter_code
;GSHMRSRRVDVMDVMNRLILAMDLMNRDDALRVTGEVREYIDTVKIGYPLVLSEGMDIIAEFRKRFGCRIIADFKVADIP
ETNEKICRATFKAGADAIIVHGFPGADSVRACLNVAEEMGREVFLLTEMSHPGAEMFIQGAADEIARMGVDLGVKNYVGP
STRPERLSRLREIIGQDSFLISPGVGAQGGDPGETLRFADAIIVGRSIYLADNPAAAAAGIIESIKDLRIPEDPAANKAR
KEAELAAATAEQ
;
_entity_poly.pdbx_strand_id   A,B
#
loop_
_chem_comp.id
_chem_comp.type
_chem_comp.name
_chem_comp.formula
6CN non-polymer '6-cyanouridine 5'-phosphate' 'C10 H12 N3 O9 P'
BMP RNA linking 6-HYDROXYURIDINE-5'-PHOSPHATE 'C9 H13 N2 O10 P'
GOL non-polymer GLYCEROL 'C3 H8 O3'
#
# COMPACT_ATOMS: atom_id res chain seq x y z
N VAL A 14 10.80 1.76 22.57
CA VAL A 14 9.61 2.69 22.64
C VAL A 14 9.07 2.81 24.08
N MET A 15 8.65 4.03 24.47
CA MET A 15 8.28 4.27 25.85
C MET A 15 7.17 3.31 26.17
N ASN A 16 7.37 2.55 27.24
CA ASN A 16 6.36 1.65 27.76
C ASN A 16 6.00 0.54 26.78
N ARG A 17 6.80 0.37 25.72
CA ARG A 17 6.60 -0.76 24.79
C ARG A 17 5.24 -0.65 24.10
N LEU A 18 4.75 0.58 24.02
CA LEU A 18 3.42 0.83 23.45
C LEU A 18 3.45 1.90 22.37
N ILE A 19 3.00 1.53 21.17
CA ILE A 19 2.92 2.42 20.00
C ILE A 19 1.45 2.66 19.68
N LEU A 20 1.08 3.91 19.55
CA LEU A 20 -0.30 4.27 19.24
C LEU A 20 -0.50 4.19 17.72
N ALA A 21 -1.51 3.44 17.29
CA ALA A 21 -1.90 3.44 15.87
C ALA A 21 -2.96 4.55 15.71
N MET A 22 -2.53 5.69 15.18
CA MET A 22 -3.43 6.84 15.10
C MET A 22 -4.16 6.84 13.77
N ASP A 23 -5.32 6.13 13.76
CA ASP A 23 -6.09 5.96 12.51
C ASP A 23 -7.42 6.73 12.53
N LEU A 24 -7.55 7.71 13.42
CA LEU A 24 -8.63 8.69 13.22
C LEU A 24 -8.34 9.49 11.95
N MET A 25 -9.40 9.99 11.35
CA MET A 25 -9.32 10.59 10.01
C MET A 25 -9.42 12.10 10.03
C MET A 25 -9.66 12.07 9.96
N ASN A 26 -9.64 12.64 11.23
N ASN A 26 -9.55 12.74 11.09
CA ASN A 26 -9.82 14.07 11.46
CA ASN A 26 -9.56 14.18 11.05
C ASN A 26 -8.60 14.61 12.23
C ASN A 26 -8.61 14.70 12.08
N ARG A 27 -7.98 15.69 11.73
N ARG A 27 -7.93 15.76 11.69
CA ARG A 27 -6.79 16.28 12.37
C ARG A 27 -7.10 16.69 13.81
N ASP A 28 -8.26 17.29 14.05
CA ASP A 28 -8.54 17.76 15.40
C ASP A 28 -8.69 16.57 16.38
N ASP A 29 -9.40 15.53 15.95
CA ASP A 29 -9.59 14.36 16.85
C ASP A 29 -8.24 13.64 17.05
N ALA A 30 -7.47 13.53 15.97
CA ALA A 30 -6.17 12.84 16.05
C ALA A 30 -5.21 13.60 16.97
N LEU A 31 -5.19 14.93 16.85
CA LEU A 31 -4.34 15.71 17.74
C LEU A 31 -4.77 15.60 19.20
N ARG A 32 -6.08 15.63 19.43
CA ARG A 32 -6.63 15.54 20.80
C ARG A 32 -6.23 14.24 21.47
N VAL A 33 -6.53 13.11 20.79
CA VAL A 33 -6.26 11.83 21.37
C VAL A 33 -4.75 11.64 21.57
N THR A 34 -3.94 11.97 20.56
CA THR A 34 -2.49 11.80 20.68
C THR A 34 -1.94 12.64 21.86
N GLY A 35 -2.42 13.86 22.00
CA GLY A 35 -2.01 14.72 23.14
C GLY A 35 -2.37 14.10 24.49
N GLU A 36 -3.57 13.50 24.56
CA GLU A 36 -4.07 12.94 25.81
C GLU A 36 -3.26 11.74 26.23
N VAL A 37 -2.69 10.99 25.28
CA VAL A 37 -1.96 9.78 25.64
C VAL A 37 -0.43 9.91 25.55
N ARG A 38 0.05 11.10 25.21
CA ARG A 38 1.49 11.33 24.97
C ARG A 38 2.38 10.98 26.16
N GLU A 39 1.86 11.10 27.38
CA GLU A 39 2.68 10.78 28.54
C GLU A 39 3.00 9.29 28.62
N TYR A 40 2.24 8.45 27.91
CA TYR A 40 2.36 6.97 27.95
C TYR A 40 3.01 6.27 26.72
C TYR A 40 3.14 6.48 26.74
N ILE A 41 3.40 7.04 25.71
N ILE A 41 3.07 7.25 25.65
CA ILE A 41 4.00 6.46 24.49
CA ILE A 41 3.53 6.81 24.35
C ILE A 41 5.25 7.26 24.09
C ILE A 41 4.42 7.90 23.72
N ASP A 42 6.03 6.73 23.16
N ASP A 42 5.61 7.53 23.24
CA ASP A 42 7.16 7.48 22.60
CA ASP A 42 6.50 8.45 22.50
C ASP A 42 7.16 7.43 21.08
C ASP A 42 6.61 8.08 21.02
N THR A 43 6.22 6.66 20.52
N THR A 43 5.88 7.04 20.62
CA THR A 43 6.13 6.52 19.07
CA THR A 43 6.01 6.51 19.27
C THR A 43 4.68 6.43 18.64
C THR A 43 4.60 6.38 18.70
N VAL A 44 4.37 7.08 17.52
N VAL A 44 4.36 7.05 17.58
CA VAL A 44 3.02 7.06 16.94
C VAL A 44 3.15 6.47 15.56
N LYS A 45 2.28 5.52 15.25
CA LYS A 45 2.19 4.94 13.90
C LYS A 45 1.10 5.71 13.16
N ILE A 46 1.46 6.38 12.06
CA ILE A 46 0.50 7.14 11.27
C ILE A 46 0.35 6.40 9.92
N GLY A 47 -0.89 6.16 9.50
CA GLY A 47 -1.14 5.45 8.25
C GLY A 47 -1.94 6.28 7.28
N TYR A 48 -2.36 5.57 6.23
CA TYR A 48 -3.07 6.25 5.18
C TYR A 48 -4.45 6.81 5.62
N PRO A 49 -5.17 6.20 6.55
CA PRO A 49 -6.48 6.84 6.98
C PRO A 49 -6.26 8.31 7.33
N LEU A 50 -5.22 8.60 8.12
CA LEU A 50 -4.99 9.98 8.56
C LEU A 50 -4.32 10.76 7.43
N VAL A 51 -3.27 10.19 6.83
CA VAL A 51 -2.54 10.96 5.80
C VAL A 51 -3.40 11.31 4.57
N LEU A 52 -4.21 10.36 4.11
CA LEU A 52 -5.02 10.62 2.91
C LEU A 52 -6.15 11.59 3.22
N SER A 53 -6.47 11.77 4.51
CA SER A 53 -7.55 12.66 4.90
C SER A 53 -7.04 14.07 5.21
N GLU A 54 -5.80 14.16 5.73
CA GLU A 54 -5.27 15.44 6.23
C GLU A 54 -3.96 15.90 5.58
N GLY A 55 -3.37 15.04 4.75
CA GLY A 55 -2.12 15.41 4.09
C GLY A 55 -0.85 14.92 4.78
N MET A 56 0.19 14.74 3.98
CA MET A 56 1.50 14.34 4.50
C MET A 56 2.09 15.31 5.51
N ASP A 57 1.66 16.56 5.49
CA ASP A 57 2.21 17.54 6.45
C ASP A 57 1.84 17.16 7.91
N ILE A 58 0.83 16.30 8.06
CA ILE A 58 0.49 15.86 9.41
C ILE A 58 1.63 15.13 10.11
N ILE A 59 2.53 14.50 9.35
CA ILE A 59 3.65 13.77 9.97
C ILE A 59 4.58 14.75 10.70
N ALA A 60 4.99 15.82 10.00
CA ALA A 60 5.90 16.80 10.62
C ALA A 60 5.16 17.54 11.74
N GLU A 61 3.85 17.74 11.59
CA GLU A 61 3.08 18.41 12.66
C GLU A 61 3.14 17.59 13.94
N PHE A 62 2.88 16.30 13.82
CA PHE A 62 2.93 15.42 14.97
C PHE A 62 4.31 15.34 15.57
N ARG A 63 5.32 15.18 14.73
CA ARG A 63 6.68 15.09 15.23
C ARG A 63 7.03 16.30 16.07
N LYS A 64 6.65 17.48 15.57
CA LYS A 64 6.98 18.76 16.21
C LYS A 64 6.18 18.89 17.50
N ARG A 65 4.86 18.70 17.41
CA ARG A 65 3.95 18.96 18.54
C ARG A 65 4.21 18.00 19.69
N PHE A 66 4.46 16.74 19.36
CA PHE A 66 4.56 15.71 20.38
C PHE A 66 5.98 15.22 20.65
N GLY A 67 6.93 15.58 19.79
CA GLY A 67 8.32 15.18 20.00
C GLY A 67 8.45 13.66 19.97
N CYS A 68 7.52 13.00 19.26
CA CYS A 68 7.43 11.53 19.20
C CYS A 68 8.09 11.05 17.91
N ARG A 69 8.45 9.78 17.87
CA ARG A 69 8.96 9.20 16.65
C ARG A 69 7.69 8.84 15.86
N ILE A 70 7.79 8.88 14.53
CA ILE A 70 6.68 8.57 13.68
C ILE A 70 7.05 7.42 12.77
N ILE A 71 6.27 6.35 12.86
CA ILE A 71 6.36 5.24 11.87
C ILE A 71 5.25 5.44 10.84
N ALA A 72 5.63 5.55 9.57
CA ALA A 72 4.61 5.70 8.49
C ALA A 72 4.19 4.28 8.09
N ASP A 73 2.95 3.92 8.45
CA ASP A 73 2.45 2.61 8.12
C ASP A 73 1.80 2.62 6.75
N PHE A 74 2.64 2.56 5.72
CA PHE A 74 2.15 2.68 4.36
C PHE A 74 2.14 1.33 3.62
N LYS A 75 2.54 0.25 4.31
CA LYS A 75 2.39 -1.10 3.76
C LYS A 75 2.88 -1.13 2.31
N VAL A 76 4.08 -0.58 2.10
CA VAL A 76 4.57 -0.30 0.75
C VAL A 76 4.61 -1.62 0.00
N ALA A 77 4.01 -1.68 -1.17
CA ALA A 77 3.79 -2.95 -1.82
C ALA A 77 3.75 -2.83 -3.34
N ASP A 78 4.72 -2.07 -3.86
CA ASP A 78 4.75 -1.81 -5.31
C ASP A 78 6.05 -2.42 -5.91
N ILE A 79 6.28 -2.12 -7.19
CA ILE A 79 7.52 -2.52 -7.85
C ILE A 79 8.67 -1.67 -7.29
N PRO A 80 9.93 -2.11 -7.49
CA PRO A 80 11.03 -1.38 -6.88
C PRO A 80 11.05 0.13 -7.22
N GLU A 81 10.82 0.51 -8.48
CA GLU A 81 10.95 1.92 -8.85
C GLU A 81 9.90 2.80 -8.13
N THR A 82 8.69 2.27 -7.96
CA THR A 82 7.63 3.02 -7.32
C THR A 82 7.88 3.03 -5.82
N ASN A 83 8.34 1.89 -5.28
CA ASN A 83 8.66 1.87 -3.85
C ASN A 83 9.65 2.95 -3.49
C ASN A 83 9.73 2.90 -3.52
N GLU A 84 10.73 3.12 -4.26
N GLU A 84 10.69 3.09 -4.43
CA GLU A 84 11.74 4.13 -3.91
CA GLU A 84 11.70 4.09 -4.18
C GLU A 84 11.13 5.54 -3.92
C GLU A 84 11.06 5.47 -3.95
N LYS A 85 10.16 5.75 -4.81
N LYS A 85 10.21 5.89 -4.88
CA LYS A 85 9.49 7.05 -4.90
CA LYS A 85 9.55 7.22 -4.79
C LYS A 85 8.64 7.31 -3.66
C LYS A 85 8.69 7.35 -3.54
N ILE A 86 7.91 6.28 -3.24
N ILE A 86 7.91 6.31 -3.23
CA ILE A 86 7.06 6.34 -2.05
C ILE A 86 7.93 6.57 -0.78
N CYS A 87 9.04 5.82 -0.69
CA CYS A 87 9.89 5.98 0.47
C CYS A 87 10.52 7.37 0.52
N ARG A 88 11.00 7.86 -0.62
CA ARG A 88 11.57 9.21 -0.65
C ARG A 88 10.56 10.27 -0.20
N ALA A 89 9.31 10.21 -0.69
CA ALA A 89 8.31 11.18 -0.31
C ALA A 89 8.03 11.08 1.19
N THR A 90 8.05 9.85 1.69
CA THR A 90 7.66 9.62 3.09
C THR A 90 8.72 10.12 4.06
N PHE A 91 9.99 9.86 3.75
CA PHE A 91 11.06 10.42 4.58
C PHE A 91 11.21 11.92 4.41
N LYS A 92 10.97 12.46 3.21
CA LYS A 92 10.98 13.91 3.02
C LYS A 92 9.97 14.56 3.94
N ALA A 93 8.84 13.88 4.17
CA ALA A 93 7.80 14.37 5.04
C ALA A 93 8.12 14.27 6.53
N GLY A 94 9.25 13.65 6.87
CA GLY A 94 9.73 13.61 8.25
C GLY A 94 9.51 12.30 8.98
N ALA A 95 8.97 11.27 8.31
CA ALA A 95 8.79 9.99 9.01
C ALA A 95 10.14 9.41 9.44
N ASP A 96 10.13 8.76 10.61
CA ASP A 96 11.36 8.11 11.10
C ASP A 96 11.59 6.72 10.48
N ALA A 97 10.48 6.07 10.13
CA ALA A 97 10.55 4.70 9.65
C ALA A 97 9.33 4.50 8.76
N ILE A 98 9.39 3.47 7.91
CA ILE A 98 8.26 3.13 7.05
C ILE A 98 8.03 1.64 7.13
N ILE A 99 6.77 1.23 7.11
CA ILE A 99 6.43 -0.18 7.06
C ILE A 99 6.21 -0.62 5.64
N VAL A 100 6.88 -1.73 5.29
CA VAL A 100 6.96 -2.25 3.92
C VAL A 100 6.49 -3.72 3.88
N HIS A 101 5.63 -4.09 2.94
CA HIS A 101 5.25 -5.50 2.79
C HIS A 101 6.41 -6.29 2.20
N GLY A 102 6.58 -7.48 2.76
CA GLY A 102 7.58 -8.38 2.15
C GLY A 102 7.00 -9.29 1.06
C GLY A 102 7.08 -9.18 0.97
N PHE A 103 5.67 -9.47 1.04
N PHE A 103 5.78 -9.38 0.87
CA PHE A 103 5.10 -10.41 0.07
CA PHE A 103 5.33 -10.33 -0.14
C PHE A 103 5.52 -10.15 -1.39
C PHE A 103 5.62 -9.96 -1.61
N PRO A 104 5.54 -8.88 -1.83
N PRO A 104 5.80 -8.65 -1.94
CA PRO A 104 6.03 -8.59 -3.20
CA PRO A 104 6.23 -8.35 -3.33
C PRO A 104 7.48 -8.96 -3.57
C PRO A 104 7.65 -8.80 -3.65
N GLY A 105 8.32 -9.35 -2.60
N GLY A 105 8.38 -9.29 -2.65
CA GLY A 105 9.67 -9.89 -2.94
C GLY A 105 10.87 -9.01 -2.64
N ALA A 106 12.05 -9.61 -2.87
CA ALA A 106 13.26 -9.02 -2.33
C ALA A 106 13.67 -7.75 -3.00
N ASP A 107 13.47 -7.64 -4.31
CA ASP A 107 13.83 -6.40 -4.98
C ASP A 107 12.98 -5.18 -4.49
N SER A 108 11.68 -5.40 -4.27
CA SER A 108 10.83 -4.33 -3.76
C SER A 108 11.28 -3.91 -2.36
N VAL A 109 11.66 -4.88 -1.52
CA VAL A 109 12.13 -4.56 -0.16
C VAL A 109 13.48 -3.81 -0.28
N ARG A 110 14.37 -4.32 -1.13
CA ARG A 110 15.71 -3.69 -1.26
C ARG A 110 15.58 -2.21 -1.71
N ALA A 111 14.60 -1.90 -2.55
CA ALA A 111 14.42 -0.55 -3.03
C ALA A 111 14.17 0.35 -1.82
N CYS A 112 13.33 -0.12 -0.88
CA CYS A 112 13.02 0.68 0.32
C CYS A 112 14.25 0.81 1.21
N LEU A 113 14.95 -0.30 1.41
CA LEU A 113 16.22 -0.26 2.20
C LEU A 113 17.21 0.73 1.61
N ASN A 114 17.31 0.81 0.28
CA ASN A 114 18.28 1.74 -0.36
C ASN A 114 17.92 3.17 -0.03
N VAL A 115 16.64 3.51 -0.13
CA VAL A 115 16.26 4.87 0.20
C VAL A 115 16.44 5.14 1.68
N ALA A 116 16.05 4.20 2.55
CA ALA A 116 16.30 4.38 4.00
C ALA A 116 17.79 4.63 4.29
N GLU A 117 18.66 3.90 3.58
CA GLU A 117 20.13 4.07 3.80
C GLU A 117 20.54 5.47 3.37
N GLU A 118 20.02 5.94 2.24
CA GLU A 118 20.38 7.27 1.73
C GLU A 118 19.91 8.37 2.67
N MET A 119 18.77 8.13 3.33
CA MET A 119 18.13 9.21 4.07
C MET A 119 18.29 9.06 5.57
N GLY A 120 19.02 8.03 6.02
CA GLY A 120 19.30 7.83 7.43
C GLY A 120 18.05 7.45 8.21
N ARG A 121 17.18 6.65 7.60
CA ARG A 121 15.95 6.21 8.26
C ARG A 121 15.86 4.69 8.32
N GLU A 122 14.72 4.19 8.82
CA GLU A 122 14.53 2.77 9.00
C GLU A 122 13.35 2.16 8.24
N VAL A 123 13.50 0.89 7.90
CA VAL A 123 12.42 0.10 7.25
C VAL A 123 11.99 -0.96 8.28
N PHE A 124 10.67 -1.10 8.45
CA PHE A 124 10.08 -2.26 9.15
C PHE A 124 9.46 -3.18 8.11
N LEU A 125 9.77 -4.46 8.21
CA LEU A 125 9.26 -5.45 7.24
C LEU A 125 8.03 -6.13 7.83
N LEU A 126 6.87 -5.99 7.17
CA LEU A 126 5.67 -6.69 7.58
C LEU A 126 5.72 -8.11 7.02
N THR A 127 5.68 -9.10 7.95
CA THR A 127 5.80 -10.50 7.58
C THR A 127 4.34 -11.01 7.52
N GLU A 128 3.79 -11.50 8.61
CA GLU A 128 2.45 -12.07 8.61
C GLU A 128 1.55 -10.98 9.18
N MET A 129 0.35 -10.87 8.62
CA MET A 129 -0.63 -9.88 9.08
C MET A 129 -1.56 -10.51 10.12
N SER A 130 -2.28 -9.64 10.82
CA SER A 130 -3.05 -10.05 12.00
C SER A 130 -4.47 -10.47 11.73
N HIS A 131 -5.05 -10.08 10.58
CA HIS A 131 -6.47 -10.33 10.35
C HIS A 131 -6.75 -11.72 9.79
N PRO A 132 -8.01 -12.16 9.84
CA PRO A 132 -8.29 -13.55 9.41
C PRO A 132 -7.82 -13.89 8.00
N GLY A 133 -7.99 -12.97 7.07
CA GLY A 133 -7.60 -13.22 5.64
C GLY A 133 -6.13 -13.50 5.44
N ALA A 134 -5.30 -13.12 6.43
CA ALA A 134 -3.84 -13.39 6.34
C ALA A 134 -3.56 -14.89 6.23
N GLU A 135 -4.51 -15.67 6.68
CA GLU A 135 -4.33 -17.13 6.63
C GLU A 135 -4.34 -17.66 5.18
N MET A 136 -4.95 -16.92 4.27
CA MET A 136 -5.14 -17.46 2.93
C MET A 136 -3.86 -17.59 2.12
N PHE A 137 -3.03 -16.54 2.14
CA PHE A 137 -1.85 -16.45 1.28
C PHE A 137 -0.63 -16.03 2.07
N ILE A 138 -0.80 -15.06 2.96
CA ILE A 138 0.41 -14.51 3.62
C ILE A 138 1.04 -15.46 4.60
N GLN A 139 0.20 -16.13 5.38
CA GLN A 139 0.75 -16.99 6.45
C GLN A 139 1.66 -18.06 5.86
N GLY A 140 1.27 -18.65 4.73
CA GLY A 140 2.11 -19.74 4.16
C GLY A 140 3.47 -19.25 3.65
N ALA A 141 3.57 -17.94 3.36
CA ALA A 141 4.81 -17.33 2.85
C ALA A 141 5.61 -16.64 3.96
N ALA A 142 4.98 -16.46 5.13
CA ALA A 142 5.53 -15.55 6.13
C ALA A 142 6.88 -15.97 6.68
N ASP A 143 7.09 -17.27 6.95
CA ASP A 143 8.43 -17.65 7.44
C ASP A 143 9.52 -17.30 6.40
N GLU A 144 9.23 -17.57 5.14
CA GLU A 144 10.17 -17.26 4.06
C GLU A 144 10.35 -15.75 3.87
N ILE A 145 9.26 -14.99 4.02
CA ILE A 145 9.39 -13.50 3.99
C ILE A 145 10.31 -13.02 5.13
N ALA A 146 10.16 -13.59 6.32
CA ALA A 146 11.04 -13.23 7.43
C ALA A 146 12.49 -13.60 7.13
N ARG A 147 12.71 -14.80 6.60
CA ARG A 147 14.08 -15.21 6.26
C ARG A 147 14.69 -14.31 5.20
N MET A 148 13.87 -13.93 4.22
CA MET A 148 14.29 -12.94 3.23
C MET A 148 14.73 -11.63 3.89
N GLY A 149 13.94 -11.15 4.85
CA GLY A 149 14.35 -9.98 5.61
C GLY A 149 15.70 -10.14 6.27
N VAL A 150 15.90 -11.27 6.94
CA VAL A 150 17.20 -11.52 7.58
C VAL A 150 18.31 -11.45 6.53
N ASP A 151 18.08 -12.07 5.37
CA ASP A 151 19.11 -12.13 4.32
C ASP A 151 19.44 -10.74 3.78
N LEU A 152 18.43 -9.87 3.75
CA LEU A 152 18.59 -8.49 3.25
C LEU A 152 19.13 -7.57 4.32
N GLY A 153 19.28 -8.06 5.55
CA GLY A 153 19.77 -7.22 6.63
C GLY A 153 18.73 -6.34 7.30
N VAL A 154 17.45 -6.66 7.08
CA VAL A 154 16.36 -5.98 7.80
C VAL A 154 16.49 -6.24 9.31
N LYS A 155 16.33 -5.19 10.11
CA LYS A 155 16.46 -5.30 11.54
C LYS A 155 15.16 -5.05 12.31
N ASN A 156 14.11 -4.62 11.60
CA ASN A 156 12.86 -4.24 12.24
C ASN A 156 11.72 -4.95 11.53
N TYR A 157 10.83 -5.55 12.31
CA TYR A 157 9.80 -6.42 11.73
C TYR A 157 8.45 -6.20 12.41
N VAL A 158 7.40 -6.56 11.69
CA VAL A 158 6.04 -6.50 12.23
C VAL A 158 5.43 -7.89 12.08
N GLY A 159 4.77 -8.37 13.14
CA GLY A 159 4.10 -9.67 13.09
C GLY A 159 2.93 -9.67 14.06
N PRO A 160 2.05 -10.68 13.97
CA PRO A 160 0.66 -10.56 14.47
C PRO A 160 0.39 -10.95 15.94
N SER A 161 -0.21 -10.02 16.68
CA SER A 161 -0.58 -10.29 18.09
C SER A 161 -1.65 -11.37 18.16
N THR A 162 -2.45 -11.47 17.10
CA THR A 162 -3.56 -12.41 17.07
C THR A 162 -3.12 -13.88 16.92
N ARG A 163 -1.85 -14.12 16.62
CA ARG A 163 -1.32 -15.48 16.51
C ARG A 163 0.04 -15.57 17.23
N PRO A 164 0.05 -15.62 18.58
CA PRO A 164 1.33 -15.65 19.27
C PRO A 164 2.24 -16.87 18.92
N GLU A 165 1.68 -17.99 18.47
CA GLU A 165 2.55 -19.08 18.04
C GLU A 165 3.30 -18.69 16.76
N ARG A 166 2.64 -17.86 15.93
CA ARG A 166 3.30 -17.40 14.69
C ARG A 166 4.30 -16.31 15.07
N LEU A 167 3.94 -15.46 16.04
CA LEU A 167 4.87 -14.46 16.49
C LEU A 167 6.13 -15.09 17.09
N SER A 168 5.95 -16.21 17.81
CA SER A 168 7.08 -16.96 18.35
C SER A 168 7.99 -17.46 17.24
N ARG A 169 7.41 -18.10 16.23
CA ARG A 169 8.16 -18.62 15.10
C ARG A 169 8.89 -17.47 14.38
N LEU A 170 8.23 -16.31 14.24
CA LEU A 170 8.88 -15.16 13.58
C LEU A 170 10.05 -14.64 14.41
N ARG A 171 9.86 -14.52 15.72
CA ARG A 171 10.96 -14.17 16.60
C ARG A 171 12.10 -15.15 16.47
N GLU A 172 11.79 -16.45 16.36
CA GLU A 172 12.83 -17.46 16.16
C GLU A 172 13.69 -17.19 14.93
N ILE A 173 13.04 -16.78 13.84
CA ILE A 173 13.73 -16.60 12.57
C ILE A 173 14.57 -15.33 12.63
N ILE A 174 14.01 -14.25 13.17
CA ILE A 174 14.72 -12.95 13.14
C ILE A 174 15.77 -12.79 14.23
N GLY A 175 15.74 -13.65 15.24
CA GLY A 175 16.67 -13.56 16.35
C GLY A 175 16.34 -12.52 17.38
N GLN A 176 17.10 -12.48 18.48
CA GLN A 176 16.78 -11.64 19.62
C GLN A 176 17.20 -10.19 19.43
N ASP A 177 18.13 -9.96 18.52
CA ASP A 177 18.67 -8.63 18.29
C ASP A 177 17.74 -7.79 17.41
N SER A 178 16.92 -8.44 16.61
CA SER A 178 15.97 -7.74 15.76
C SER A 178 14.85 -7.13 16.60
N PHE A 179 14.27 -6.04 16.12
CA PHE A 179 13.21 -5.33 16.83
C PHE A 179 11.89 -5.74 16.16
N LEU A 180 10.93 -6.12 16.99
CA LEU A 180 9.67 -6.72 16.50
C LEU A 180 8.53 -5.97 17.15
N ILE A 181 7.65 -5.41 16.32
CA ILE A 181 6.45 -4.76 16.84
C ILE A 181 5.22 -5.49 16.36
N SER A 182 4.11 -5.36 17.11
CA SER A 182 3.01 -6.28 16.85
C SER A 182 1.64 -5.65 17.04
N PRO A 183 0.84 -5.56 15.96
CA PRO A 183 -0.53 -5.07 16.00
C PRO A 183 -1.52 -6.19 16.18
N GLY A 184 -2.78 -5.79 16.44
CA GLY A 184 -3.84 -6.77 16.69
C GLY A 184 -4.19 -6.91 18.15
N VAL A 185 -3.69 -5.99 18.98
CA VAL A 185 -3.94 -6.00 20.43
C VAL A 185 -5.22 -5.27 20.69
N GLY A 186 -6.10 -5.89 21.46
CA GLY A 186 -7.33 -5.24 21.88
C GLY A 186 -8.44 -5.54 20.93
N ALA A 187 -8.73 -4.58 20.06
CA ALA A 187 -9.88 -4.74 19.17
C ALA A 187 -9.87 -6.06 18.40
N GLN A 188 -8.73 -6.48 17.87
CA GLN A 188 -8.67 -7.69 17.04
C GLN A 188 -8.52 -8.95 17.87
N GLY A 189 -8.37 -8.80 19.18
CA GLY A 189 -8.36 -9.97 20.06
C GLY A 189 -7.03 -10.27 20.74
N GLY A 190 -5.93 -9.64 20.32
CA GLY A 190 -4.65 -9.93 20.94
C GLY A 190 -4.50 -9.40 22.35
N ASP A 191 -3.61 -10.05 23.10
CA ASP A 191 -3.34 -9.71 24.50
C ASP A 191 -1.98 -9.04 24.68
N PRO A 192 -1.92 -7.89 25.39
CA PRO A 192 -0.61 -7.22 25.57
C PRO A 192 0.46 -8.12 26.16
N GLY A 193 0.18 -8.73 27.31
CA GLY A 193 1.18 -9.55 27.99
C GLY A 193 1.69 -10.70 27.17
N GLU A 194 0.80 -11.48 26.57
CA GLU A 194 1.22 -12.62 25.74
C GLU A 194 2.02 -12.15 24.52
N THR A 195 1.59 -11.06 23.92
CA THR A 195 2.29 -10.60 22.72
C THR A 195 3.72 -10.14 23.05
N LEU A 196 3.86 -9.49 24.22
CA LEU A 196 5.16 -8.99 24.69
C LEU A 196 6.11 -10.13 25.16
N ARG A 197 5.62 -11.36 25.22
CA ARG A 197 6.55 -12.50 25.34
C ARG A 197 7.54 -12.59 24.17
N PHE A 198 7.09 -12.11 23.00
CA PHE A 198 7.86 -12.31 21.77
C PHE A 198 8.16 -10.99 21.09
N ALA A 199 7.23 -10.05 21.12
CA ALA A 199 7.47 -8.74 20.47
C ALA A 199 8.13 -7.81 21.46
N ASP A 200 8.91 -6.86 20.96
CA ASP A 200 9.42 -5.78 21.80
C ASP A 200 8.42 -4.68 22.17
N ALA A 201 7.47 -4.46 21.27
CA ALA A 201 6.45 -3.44 21.52
C ALA A 201 5.16 -3.86 20.85
N ILE A 202 4.06 -3.40 21.43
CA ILE A 202 2.74 -3.62 20.85
C ILE A 202 2.22 -2.35 20.23
N ILE A 203 1.47 -2.51 19.14
CA ILE A 203 0.73 -1.43 18.51
C ILE A 203 -0.73 -1.50 18.95
N VAL A 204 -1.31 -0.38 19.36
CA VAL A 204 -2.73 -0.36 19.77
C VAL A 204 -3.39 0.85 19.17
N GLY A 205 -4.50 0.61 18.47
CA GLY A 205 -5.28 1.67 17.81
C GLY A 205 -6.61 1.87 18.53
N ARG A 206 -7.64 1.18 18.06
CA ARG A 206 -9.01 1.44 18.51
C ARG A 206 -9.21 1.31 20.02
N SER A 207 -8.55 0.35 20.67
CA SER A 207 -8.71 0.15 22.14
C SER A 207 -8.36 1.43 22.88
N ILE A 208 -7.49 2.26 22.29
CA ILE A 208 -7.19 3.57 22.88
C ILE A 208 -8.02 4.67 22.21
N TYR A 209 -7.96 4.77 20.87
CA TYR A 209 -8.51 6.01 20.26
C TYR A 209 -10.03 6.10 20.20
N LEU A 210 -10.69 4.95 20.38
CA LEU A 210 -12.19 4.91 20.42
C LEU A 210 -12.70 4.88 21.86
N ALA A 211 -11.78 4.77 22.81
CA ALA A 211 -12.16 4.72 24.22
C ALA A 211 -12.79 6.03 24.68
N ASP A 212 -13.70 5.90 25.66
CA ASP A 212 -14.29 7.11 26.20
C ASP A 212 -13.19 8.00 26.82
N ASN A 213 -12.19 7.36 27.40
CA ASN A 213 -11.06 8.06 28.00
C ASN A 213 -9.77 7.38 27.48
N PRO A 214 -9.24 7.86 26.35
CA PRO A 214 -8.00 7.28 25.79
C PRO A 214 -6.83 7.23 26.76
N ALA A 215 -6.63 8.26 27.59
CA ALA A 215 -5.53 8.24 28.56
C ALA A 215 -5.70 7.09 29.56
N ALA A 216 -6.93 6.89 30.02
CA ALA A 216 -7.22 5.82 30.96
C ALA A 216 -7.02 4.44 30.28
N ALA A 217 -7.40 4.33 29.01
CA ALA A 217 -7.16 3.09 28.28
C ALA A 217 -5.67 2.80 28.13
N ALA A 218 -4.89 3.80 27.72
CA ALA A 218 -3.42 3.67 27.60
C ALA A 218 -2.79 3.30 28.93
N ALA A 219 -3.20 4.00 29.98
CA ALA A 219 -2.67 3.74 31.33
C ALA A 219 -2.95 2.31 31.78
N GLY A 220 -4.15 1.81 31.48
CA GLY A 220 -4.55 0.45 31.82
C GLY A 220 -3.67 -0.56 31.13
N ILE A 221 -3.47 -0.35 29.82
CA ILE A 221 -2.53 -1.20 29.10
C ILE A 221 -1.13 -1.20 29.71
N ILE A 222 -0.60 -0.03 30.01
CA ILE A 222 0.75 0.08 30.55
C ILE A 222 0.89 -0.59 31.92
N GLU A 223 -0.14 -0.47 32.76
CA GLU A 223 -0.15 -1.13 34.07
C GLU A 223 -0.03 -2.63 33.89
N SER A 224 -0.77 -3.17 32.92
CA SER A 224 -0.67 -4.59 32.60
C SER A 224 0.74 -4.96 32.01
N ILE A 225 1.36 -4.05 31.27
CA ILE A 225 2.73 -4.27 30.72
C ILE A 225 3.78 -4.27 31.85
N LYS A 226 3.73 -3.26 32.73
CA LYS A 226 4.65 -3.12 33.86
C LYS A 226 4.75 -4.40 34.71
N ASP A 227 3.63 -5.09 34.85
CA ASP A 227 3.56 -6.30 35.68
C ASP A 227 4.33 -7.50 35.13
N LEU A 228 4.53 -7.53 33.82
CA LEU A 228 5.28 -8.62 33.16
C LEU A 228 6.72 -8.71 33.65
N VAL B 14 -11.34 1.99 -22.28
CA VAL B 14 -10.49 3.23 -22.15
C VAL B 14 -9.99 3.68 -23.54
N MET B 15 -9.85 4.98 -23.75
CA MET B 15 -9.58 5.49 -25.08
C MET B 15 -8.27 4.92 -25.56
N ASN B 16 -8.33 4.29 -26.73
CA ASN B 16 -7.15 3.75 -27.35
C ASN B 16 -6.50 2.64 -26.54
N ARG B 17 -7.21 2.14 -25.51
CA ARG B 17 -6.73 0.99 -24.72
C ARG B 17 -5.43 1.33 -24.00
N LEU B 18 -5.22 2.62 -23.75
CA LEU B 18 -3.96 3.08 -23.16
C LEU B 18 -4.27 3.94 -21.93
N ILE B 19 -3.71 3.53 -20.78
CA ILE B 19 -3.84 4.25 -19.49
C ILE B 19 -2.48 4.82 -19.11
N LEU B 20 -2.43 6.11 -18.84
CA LEU B 20 -1.16 6.73 -18.46
C LEU B 20 -0.92 6.49 -16.97
N ALA B 21 0.25 5.96 -16.61
CA ALA B 21 0.66 5.86 -15.21
C ALA B 21 1.42 7.16 -14.87
N MET B 22 0.71 8.09 -14.22
CA MET B 22 1.32 9.39 -13.97
C MET B 22 2.07 9.38 -12.63
N ASP B 23 3.34 8.95 -12.70
CA ASP B 23 4.15 8.85 -11.50
C ASP B 23 5.23 9.92 -11.39
N LEU B 24 5.09 11.01 -12.13
CA LEU B 24 5.91 12.18 -11.79
C LEU B 24 5.48 12.71 -10.41
N MET B 25 6.39 13.41 -9.72
CA MET B 25 6.20 13.76 -8.31
C MET B 25 6.17 15.27 -8.14
C MET B 25 5.92 15.23 -8.07
N ASN B 26 5.87 15.94 -9.24
N ASN B 26 6.10 16.06 -9.07
CA ASN B 26 5.76 17.39 -9.27
CA ASN B 26 5.65 17.43 -8.88
C ASN B 26 4.48 17.75 -10.00
C ASN B 26 4.49 17.77 -9.81
N ARG B 27 3.65 18.58 -9.35
N ARG B 27 3.61 18.62 -9.30
CA ARG B 27 2.35 18.94 -9.94
C ARG B 27 2.52 19.58 -11.31
N ASP B 28 3.48 20.48 -11.45
CA ASP B 28 3.60 21.18 -12.74
C ASP B 28 4.01 20.22 -13.86
N ASP B 29 4.96 19.33 -13.58
CA ASP B 29 5.44 18.35 -14.60
C ASP B 29 4.30 17.37 -14.91
N ALA B 30 3.58 16.93 -13.87
CA ALA B 30 2.50 15.97 -14.05
C ALA B 30 1.38 16.58 -14.87
N LEU B 31 1.04 17.84 -14.59
CA LEU B 31 0.00 18.51 -15.36
C LEU B 31 0.41 18.69 -16.83
N ARG B 32 1.68 19.06 -17.03
CA ARG B 32 2.21 19.31 -18.38
C ARG B 32 2.13 18.05 -19.22
N VAL B 33 2.67 16.93 -18.68
CA VAL B 33 2.71 15.71 -19.46
C VAL B 33 1.29 15.18 -19.71
N THR B 34 0.46 15.20 -18.67
CA THR B 34 -0.91 14.72 -18.83
C THR B 34 -1.65 15.54 -19.89
N GLY B 35 -1.48 16.85 -19.86
CA GLY B 35 -2.14 17.70 -20.87
C GLY B 35 -1.61 17.41 -22.27
N GLU B 36 -0.31 17.10 -22.38
CA GLU B 36 0.28 16.84 -23.71
C GLU B 36 -0.23 15.54 -24.34
N VAL B 37 -0.60 14.54 -23.52
CA VAL B 37 -1.01 13.24 -24.05
C VAL B 37 -2.51 12.99 -23.97
N ARG B 38 -3.26 13.99 -23.50
CA ARG B 38 -4.70 13.83 -23.23
C ARG B 38 -5.52 13.48 -24.48
N GLU B 39 -5.04 13.87 -25.65
CA GLU B 39 -5.79 13.52 -26.83
C GLU B 39 -5.72 12.01 -27.12
N TYR B 40 -4.76 11.30 -26.52
CA TYR B 40 -4.51 9.87 -26.77
C TYR B 40 -4.96 8.86 -25.67
C TYR B 40 -5.10 9.03 -25.65
N ILE B 41 -5.51 9.35 -24.56
N ILE B 41 -5.32 9.67 -24.50
CA ILE B 41 -5.93 8.47 -23.46
CA ILE B 41 -5.60 8.96 -23.27
C ILE B 41 -7.32 8.85 -22.96
C ILE B 41 -6.66 9.72 -22.48
N ASP B 42 -7.92 8.00 -22.14
N ASP B 42 -7.72 9.00 -22.09
CA ASP B 42 -9.17 8.39 -21.50
CA ASP B 42 -8.80 9.54 -21.24
C ASP B 42 -9.20 8.09 -20.00
C ASP B 42 -8.83 8.92 -19.85
N THR B 43 -8.10 7.57 -19.48
N THR B 43 -7.86 8.06 -19.55
CA THR B 43 -7.98 7.25 -18.06
CA THR B 43 -7.81 7.33 -18.29
C THR B 43 -6.54 7.42 -17.62
C THR B 43 -6.41 7.51 -17.72
N VAL B 44 -6.36 8.03 -16.44
N VAL B 44 -6.33 8.02 -16.50
CA VAL B 44 -5.02 8.27 -15.86
C VAL B 44 -4.99 7.52 -14.56
N LYS B 45 -3.91 6.75 -14.36
CA LYS B 45 -3.63 6.05 -13.10
C LYS B 45 -2.77 6.97 -12.26
N ILE B 46 -3.27 7.35 -11.08
CA ILE B 46 -2.52 8.22 -10.18
C ILE B 46 -2.19 7.37 -8.95
N GLY B 47 -0.92 7.36 -8.56
CA GLY B 47 -0.45 6.58 -7.43
C GLY B 47 0.13 7.44 -6.33
N TYR B 48 0.75 6.73 -5.39
CA TYR B 48 1.31 7.40 -4.23
C TYR B 48 2.48 8.34 -4.56
N PRO B 49 3.33 8.04 -5.55
CA PRO B 49 4.41 9.04 -5.83
C PRO B 49 3.84 10.46 -6.02
N LEU B 50 2.75 10.57 -6.76
CA LEU B 50 2.18 11.93 -7.01
C LEU B 50 1.35 12.37 -5.81
N VAL B 51 0.47 11.49 -5.33
CA VAL B 51 -0.39 11.88 -4.21
C VAL B 51 0.38 12.25 -2.92
N LEU B 52 1.42 11.50 -2.60
CA LEU B 52 2.15 11.80 -1.36
C LEU B 52 3.03 13.05 -1.52
N SER B 53 3.25 13.47 -2.76
CA SER B 53 4.09 14.65 -2.99
C SER B 53 3.23 15.89 -3.13
N GLU B 54 2.02 15.77 -3.68
CA GLU B 54 1.19 16.93 -3.98
C GLU B 54 -0.18 16.96 -3.28
N GLY B 55 -0.56 15.88 -2.59
CA GLY B 55 -1.85 15.85 -1.95
C GLY B 55 -2.98 15.16 -2.70
N MET B 56 -3.94 14.65 -1.95
CA MET B 56 -5.11 14.01 -2.52
C MET B 56 -5.95 14.92 -3.43
N ASP B 57 -5.85 16.22 -3.24
CA ASP B 57 -6.63 17.18 -4.08
C ASP B 57 -6.20 17.09 -5.55
N ILE B 58 -5.02 16.52 -5.83
CA ILE B 58 -4.60 16.38 -7.21
C ILE B 58 -5.54 15.49 -8.02
N ILE B 59 -6.22 14.56 -7.35
CA ILE B 59 -7.15 13.65 -8.07
C ILE B 59 -8.31 14.46 -8.68
N ALA B 60 -8.96 15.29 -7.87
CA ALA B 60 -10.09 16.07 -8.40
C ALA B 60 -9.58 17.12 -9.38
N GLU B 61 -8.38 17.65 -9.16
CA GLU B 61 -7.80 18.62 -10.12
C GLU B 61 -7.66 17.99 -11.50
N PHE B 62 -7.09 16.79 -11.54
CA PHE B 62 -6.92 16.09 -12.79
C PHE B 62 -8.26 15.74 -13.43
N ARG B 63 -9.18 15.22 -12.64
CA ARG B 63 -10.45 14.79 -13.17
C ARG B 63 -11.15 15.97 -13.84
N LYS B 64 -11.04 17.15 -13.22
CA LYS B 64 -11.69 18.39 -13.68
C LYS B 64 -10.98 18.95 -14.89
N ARG B 65 -9.66 19.11 -14.81
CA ARG B 65 -8.98 19.79 -15.90
C ARG B 65 -8.84 18.94 -17.15
N PHE B 66 -8.80 17.61 -16.99
CA PHE B 66 -8.63 16.73 -18.14
C PHE B 66 -9.89 15.94 -18.50
N GLY B 67 -10.88 15.95 -17.61
CA GLY B 67 -12.13 15.24 -17.88
C GLY B 67 -11.89 13.76 -18.09
N CYS B 68 -10.85 13.23 -17.43
CA CYS B 68 -10.42 11.83 -17.58
C CYS B 68 -10.97 11.02 -16.40
N ARG B 69 -10.98 9.71 -16.54
CA ARG B 69 -11.29 8.87 -15.38
C ARG B 69 -9.96 8.73 -14.60
N ILE B 70 -10.05 8.61 -13.28
CA ILE B 70 -8.86 8.43 -12.48
C ILE B 70 -8.95 7.12 -11.74
N ILE B 71 -7.93 6.28 -11.98
CA ILE B 71 -7.73 5.10 -11.14
C ILE B 71 -6.69 5.41 -10.07
N ALA B 72 -7.06 5.25 -8.79
CA ALA B 72 -6.10 5.45 -7.68
C ALA B 72 -5.34 4.14 -7.45
N ASP B 73 -4.06 4.14 -7.85
CA ASP B 73 -3.25 2.97 -7.69
C ASP B 73 -2.61 2.97 -6.32
N PHE B 74 -3.38 2.55 -5.34
CA PHE B 74 -2.91 2.61 -3.96
C PHE B 74 -2.56 1.23 -3.41
N LYS B 75 -2.68 0.19 -4.24
CA LYS B 75 -2.18 -1.16 -3.86
C LYS B 75 -2.65 -1.47 -2.43
N VAL B 76 -3.96 -1.29 -2.19
CA VAL B 76 -4.46 -1.34 -0.82
C VAL B 76 -4.18 -2.73 -0.26
N ALA B 77 -3.57 -2.78 0.90
CA ALA B 77 -3.03 -4.03 1.37
C ALA B 77 -2.99 -4.08 2.91
N ASP B 78 -4.13 -3.70 3.50
CA ASP B 78 -4.19 -3.63 4.97
C ASP B 78 -5.29 -4.59 5.47
N ILE B 79 -5.56 -4.51 6.77
CA ILE B 79 -6.64 -5.28 7.38
C ILE B 79 -7.98 -4.69 6.90
N PRO B 80 -9.08 -5.45 7.03
CA PRO B 80 -10.34 -4.94 6.51
C PRO B 80 -10.73 -3.53 7.03
N GLU B 81 -10.59 -3.27 8.34
CA GLU B 81 -11.05 -1.99 8.91
C GLU B 81 -10.27 -0.80 8.32
N THR B 82 -8.96 -0.99 8.09
CA THR B 82 -8.13 0.11 7.58
C THR B 82 -8.41 0.23 6.08
N ASN B 83 -8.56 -0.92 5.39
CA ASN B 83 -8.89 -0.85 3.96
C ASN B 83 -10.15 -0.03 3.77
N GLU B 84 -11.15 -0.25 4.60
CA GLU B 84 -12.41 0.52 4.41
C GLU B 84 -12.13 2.03 4.48
N LYS B 85 -11.31 2.46 5.44
CA LYS B 85 -10.99 3.88 5.62
C LYS B 85 -10.22 4.44 4.44
N ILE B 86 -9.24 3.69 3.95
CA ILE B 86 -8.46 4.13 2.80
C ILE B 86 -9.37 4.28 1.57
N CYS B 87 -10.26 3.29 1.35
CA CYS B 87 -11.15 3.39 0.20
C CYS B 87 -12.11 4.59 0.33
N ARG B 88 -12.64 4.82 1.54
CA ARG B 88 -13.55 5.94 1.73
C ARG B 88 -12.83 7.26 1.43
N ALA B 89 -11.60 7.44 1.95
CA ALA B 89 -10.87 8.67 1.69
C ALA B 89 -10.60 8.84 0.20
N THR B 90 -10.33 7.73 -0.46
CA THR B 90 -9.92 7.79 -1.87
C THR B 90 -11.09 8.15 -2.76
N PHE B 91 -12.24 7.53 -2.49
CA PHE B 91 -13.42 7.92 -3.29
C PHE B 91 -13.93 9.30 -2.95
N LYS B 92 -13.83 9.71 -1.69
CA LYS B 92 -14.20 11.08 -1.32
C LYS B 92 -13.37 12.09 -2.10
N ALA B 93 -12.11 11.74 -2.38
CA ALA B 93 -11.23 12.59 -3.17
C ALA B 93 -11.53 12.57 -4.66
N GLY B 94 -12.50 11.75 -5.10
CA GLY B 94 -12.97 11.79 -6.48
C GLY B 94 -12.46 10.69 -7.37
N ALA B 95 -11.70 9.73 -6.84
CA ALA B 95 -11.22 8.67 -7.69
C ALA B 95 -12.39 7.85 -8.22
N ASP B 96 -12.27 7.40 -9.48
CA ASP B 96 -13.30 6.52 -10.07
C ASP B 96 -13.16 5.06 -9.65
N ALA B 97 -11.92 4.63 -9.38
CA ALA B 97 -11.62 3.23 -9.07
C ALA B 97 -10.38 3.23 -8.19
N ILE B 98 -10.17 2.12 -7.48
CA ILE B 98 -9.00 1.93 -6.65
C ILE B 98 -8.42 0.56 -6.93
N ILE B 99 -7.10 0.45 -6.95
CA ILE B 99 -6.39 -0.83 -7.08
C ILE B 99 -6.10 -1.37 -5.71
N VAL B 100 -6.47 -2.64 -5.53
CA VAL B 100 -6.36 -3.34 -4.23
C VAL B 100 -5.56 -4.64 -4.41
N HIS B 101 -4.62 -4.92 -3.51
CA HIS B 101 -3.93 -6.20 -3.55
C HIS B 101 -4.84 -7.33 -3.10
N GLY B 102 -4.70 -8.46 -3.79
CA GLY B 102 -5.43 -9.66 -3.36
C GLY B 102 -4.76 -10.48 -2.29
C GLY B 102 -4.65 -10.49 -2.35
N PHE B 103 -3.43 -10.36 -2.17
N PHE B 103 -3.32 -10.34 -2.34
CA PHE B 103 -2.73 -11.27 -1.29
CA PHE B 103 -2.50 -11.24 -1.50
C PHE B 103 -3.10 -11.18 0.23
C PHE B 103 -2.93 -11.28 -0.02
N PRO B 104 -3.62 -10.01 0.72
N PRO B 104 -3.28 -10.13 0.58
CA PRO B 104 -4.07 -9.99 2.13
CA PRO B 104 -3.82 -10.16 1.97
C PRO B 104 -5.32 -10.82 2.38
C PRO B 104 -5.13 -10.93 2.26
N GLY B 105 -5.93 -11.34 1.31
N GLY B 105 -5.86 -11.38 1.24
CA GLY B 105 -7.04 -12.25 1.49
C GLY B 105 -8.42 -11.67 1.30
N ALA B 106 -9.42 -12.55 1.40
CA ALA B 106 -10.76 -12.19 0.92
C ALA B 106 -11.45 -11.15 1.77
N ASP B 107 -11.23 -11.17 3.08
CA ASP B 107 -11.87 -10.18 3.92
C ASP B 107 -11.36 -8.76 3.60
N SER B 108 -10.05 -8.64 3.38
CA SER B 108 -9.50 -7.33 3.02
C SER B 108 -10.05 -6.84 1.67
N VAL B 109 -10.20 -7.74 0.69
CA VAL B 109 -10.76 -7.34 -0.60
C VAL B 109 -12.24 -6.97 -0.40
N ARG B 110 -12.97 -7.78 0.37
CA ARG B 110 -14.42 -7.53 0.54
C ARG B 110 -14.65 -6.16 1.18
N ALA B 111 -13.77 -5.72 2.08
CA ALA B 111 -13.95 -4.43 2.71
C ALA B 111 -13.92 -3.35 1.66
N CYS B 112 -13.01 -3.48 0.68
CA CYS B 112 -12.89 -2.45 -0.39
C CYS B 112 -14.12 -2.52 -1.28
N LEU B 113 -14.55 -3.74 -1.61
CA LEU B 113 -15.79 -3.91 -2.41
C LEU B 113 -17.00 -3.28 -1.74
N ASN B 114 -17.10 -3.41 -0.41
CA ASN B 114 -18.25 -2.85 0.32
C ASN B 114 -18.26 -1.34 0.21
N VAL B 115 -17.09 -0.71 0.37
CA VAL B 115 -17.07 0.73 0.24
C VAL B 115 -17.32 1.17 -1.20
N ALA B 116 -16.74 0.48 -2.20
CA ALA B 116 -17.03 0.79 -3.60
C ALA B 116 -18.54 0.69 -3.89
N GLU B 117 -19.21 -0.31 -3.33
CA GLU B 117 -20.67 -0.47 -3.54
C GLU B 117 -21.40 0.72 -2.94
N GLU B 118 -20.99 1.13 -1.74
CA GLU B 118 -21.63 2.23 -1.04
C GLU B 118 -21.46 3.54 -1.80
N MET B 119 -20.33 3.68 -2.49
CA MET B 119 -19.99 4.98 -3.07
C MET B 119 -20.13 5.00 -4.59
N GLY B 120 -20.62 3.91 -5.18
CA GLY B 120 -20.86 3.79 -6.62
C GLY B 120 -19.56 3.86 -7.41
N ARG B 121 -18.53 3.20 -6.88
CA ARG B 121 -17.22 3.16 -7.59
C ARG B 121 -16.74 1.73 -7.86
N GLU B 122 -15.50 1.62 -8.37
CA GLU B 122 -15.00 0.31 -8.74
C GLU B 122 -13.70 -0.06 -8.05
N VAL B 123 -13.54 -1.37 -7.88
CA VAL B 123 -12.28 -1.98 -7.36
C VAL B 123 -11.63 -2.76 -8.50
N PHE B 124 -10.32 -2.53 -8.66
CA PHE B 124 -9.47 -3.43 -9.48
C PHE B 124 -8.65 -4.30 -8.57
N LEU B 125 -8.66 -5.58 -8.83
CA LEU B 125 -7.87 -6.52 -8.00
C LEU B 125 -6.55 -6.81 -8.67
N LEU B 126 -5.44 -6.50 -7.97
CA LEU B 126 -4.11 -6.80 -8.45
C LEU B 126 -3.81 -8.26 -8.09
N THR B 127 -3.54 -9.06 -9.14
CA THR B 127 -3.30 -10.50 -8.96
C THR B 127 -1.75 -10.64 -8.93
N GLU B 128 -1.12 -10.84 -10.07
CA GLU B 128 0.31 -11.06 -10.13
C GLU B 128 0.92 -9.73 -10.53
N MET B 129 2.07 -9.41 -9.95
CA MET B 129 2.76 -8.15 -10.27
C MET B 129 3.81 -8.39 -11.36
N SER B 130 4.27 -7.30 -11.94
CA SER B 130 5.12 -7.34 -13.15
C SER B 130 6.62 -7.42 -12.91
N HIS B 131 7.09 -7.06 -11.71
CA HIS B 131 8.54 -6.96 -11.47
C HIS B 131 9.12 -8.33 -11.11
N PRO B 132 10.44 -8.44 -11.19
CA PRO B 132 11.05 -9.76 -10.94
C PRO B 132 10.72 -10.40 -9.59
N GLY B 133 10.67 -9.60 -8.55
CA GLY B 133 10.40 -10.11 -7.18
C GLY B 133 9.02 -10.77 -7.07
N ALA B 134 8.11 -10.45 -8.00
CA ALA B 134 6.76 -11.08 -7.95
C ALA B 134 6.88 -12.59 -8.04
N GLU B 135 7.99 -13.06 -8.59
CA GLU B 135 8.13 -14.53 -8.72
C GLU B 135 8.30 -15.23 -7.37
N MET B 136 8.74 -14.50 -6.35
CA MET B 136 9.08 -15.15 -5.07
C MET B 136 7.88 -15.69 -4.32
N PHE B 137 6.83 -14.88 -4.20
CA PHE B 137 5.67 -15.21 -3.39
C PHE B 137 4.37 -14.98 -4.13
N ILE B 138 4.29 -13.91 -4.91
CA ILE B 138 2.97 -13.56 -5.47
C ILE B 138 2.58 -14.53 -6.58
N GLN B 139 3.55 -14.85 -7.44
CA GLN B 139 3.20 -15.69 -8.62
C GLN B 139 2.56 -16.99 -8.18
N GLY B 140 3.11 -17.62 -7.14
CA GLY B 140 2.59 -18.94 -6.70
C GLY B 140 1.16 -18.86 -6.16
N ALA B 141 0.73 -17.67 -5.75
CA ALA B 141 -0.61 -17.48 -5.18
C ALA B 141 -1.56 -16.83 -6.19
N ALA B 142 -1.03 -16.39 -7.33
CA ALA B 142 -1.80 -15.47 -8.20
C ALA B 142 -3.02 -16.12 -8.79
N ASP B 143 -2.92 -17.38 -9.25
CA ASP B 143 -4.14 -18.04 -9.78
C ASP B 143 -5.25 -18.09 -8.74
N GLU B 144 -4.88 -18.45 -7.52
CA GLU B 144 -5.84 -18.53 -6.43
C GLU B 144 -6.38 -17.14 -6.04
N ILE B 145 -5.52 -16.13 -6.11
CA ILE B 145 -6.00 -14.74 -5.88
C ILE B 145 -7.02 -14.37 -6.94
N ALA B 146 -6.76 -14.73 -8.19
CA ALA B 146 -7.71 -14.42 -9.27
C ALA B 146 -9.04 -15.17 -9.05
N ARG B 147 -8.96 -16.46 -8.66
CA ARG B 147 -10.19 -17.23 -8.43
C ARG B 147 -10.98 -16.64 -7.24
N MET B 148 -10.25 -16.20 -6.22
CA MET B 148 -10.89 -15.49 -5.11
C MET B 148 -11.64 -14.26 -5.60
N GLY B 149 -11.01 -13.48 -6.48
CA GLY B 149 -11.69 -12.35 -7.08
C GLY B 149 -12.99 -12.74 -7.75
N VAL B 150 -12.92 -13.77 -8.58
CA VAL B 150 -14.11 -14.23 -9.28
C VAL B 150 -15.20 -14.58 -8.26
N ASP B 151 -14.82 -15.30 -7.21
CA ASP B 151 -15.80 -15.75 -6.18
C ASP B 151 -16.41 -14.56 -5.46
N LEU B 152 -15.64 -13.47 -5.32
CA LEU B 152 -16.14 -12.28 -4.63
C LEU B 152 -16.92 -11.36 -5.57
N GLY B 153 -16.95 -11.68 -6.85
CA GLY B 153 -17.65 -10.85 -7.81
C GLY B 153 -16.85 -9.66 -8.35
N VAL B 154 -15.53 -9.70 -8.15
CA VAL B 154 -14.64 -8.69 -8.77
C VAL B 154 -14.73 -8.76 -10.30
N LYS B 155 -14.85 -7.59 -10.94
CA LYS B 155 -14.97 -7.58 -12.40
C LYS B 155 -13.78 -6.94 -13.12
N ASN B 156 -12.85 -6.37 -12.34
CA ASN B 156 -11.75 -5.56 -12.89
C ASN B 156 -10.46 -6.07 -12.23
N TYR B 157 -9.46 -6.34 -13.05
CA TYR B 157 -8.23 -7.03 -12.60
C TYR B 157 -7.01 -6.36 -13.20
N VAL B 158 -5.88 -6.57 -12.52
CA VAL B 158 -4.58 -6.09 -13.04
C VAL B 158 -3.67 -7.31 -13.07
N GLY B 159 -2.94 -7.47 -14.18
CA GLY B 159 -1.97 -8.56 -14.30
C GLY B 159 -0.84 -8.13 -15.22
N PRO B 160 0.26 -8.90 -15.24
CA PRO B 160 1.57 -8.39 -15.72
C PRO B 160 1.90 -8.50 -17.22
N SER B 161 2.26 -7.35 -17.81
CA SER B 161 2.65 -7.34 -19.24
C SER B 161 3.94 -8.11 -19.44
N THR B 162 4.77 -8.16 -18.41
CA THR B 162 6.08 -8.81 -18.48
C THR B 162 5.99 -10.35 -18.55
N ARG B 163 4.81 -10.92 -18.30
CA ARG B 163 4.65 -12.38 -18.35
C ARG B 163 3.33 -12.69 -19.08
N PRO B 164 3.35 -12.56 -20.43
CA PRO B 164 2.07 -12.81 -21.15
C PRO B 164 1.48 -14.23 -20.99
N GLU B 165 2.32 -15.23 -20.69
CA GLU B 165 1.76 -16.55 -20.41
C GLU B 165 0.94 -16.53 -19.10
N ARG B 166 1.39 -15.70 -18.16
CA ARG B 166 0.65 -15.56 -16.89
C ARG B 166 -0.59 -14.71 -17.14
N LEU B 167 -0.46 -13.68 -17.97
CA LEU B 167 -1.60 -12.86 -18.31
C LEU B 167 -2.67 -13.70 -19.00
N SER B 168 -2.23 -14.63 -19.85
CA SER B 168 -3.15 -15.55 -20.51
C SER B 168 -3.91 -16.43 -19.50
N ARG B 169 -3.17 -17.02 -18.56
CA ARG B 169 -3.77 -17.86 -17.52
C ARG B 169 -4.74 -17.02 -16.66
N LEU B 170 -4.37 -15.77 -16.37
CA LEU B 170 -5.27 -14.92 -15.59
C LEU B 170 -6.56 -14.62 -16.33
N ARG B 171 -6.43 -14.28 -17.61
CA ARG B 171 -7.60 -14.09 -18.46
C ARG B 171 -8.47 -15.33 -18.47
N GLU B 172 -7.85 -16.51 -18.52
CA GLU B 172 -8.60 -17.77 -18.50
C GLU B 172 -9.44 -17.91 -17.24
N ILE B 173 -8.91 -17.46 -16.10
CA ILE B 173 -9.59 -17.64 -14.83
C ILE B 173 -10.73 -16.63 -14.75
N ILE B 174 -10.45 -15.38 -15.10
CA ILE B 174 -11.46 -14.30 -14.94
C ILE B 174 -12.54 -14.24 -16.02
N GLY B 175 -12.32 -14.95 -17.14
CA GLY B 175 -13.25 -14.92 -18.26
C GLY B 175 -13.19 -13.68 -19.12
N GLN B 176 -14.00 -13.67 -20.20
CA GLN B 176 -13.91 -12.62 -21.20
C GLN B 176 -14.70 -11.37 -20.84
N ASP B 177 -15.63 -11.52 -19.92
CA ASP B 177 -16.49 -10.43 -19.48
C ASP B 177 -15.75 -9.52 -18.50
N SER B 178 -14.74 -10.05 -17.80
CA SER B 178 -14.00 -9.23 -16.85
C SER B 178 -13.07 -8.26 -17.60
N PHE B 179 -12.78 -7.14 -16.97
CA PHE B 179 -11.91 -6.10 -17.55
C PHE B 179 -10.52 -6.28 -16.94
N LEU B 180 -9.49 -6.26 -17.78
CA LEU B 180 -8.13 -6.60 -17.35
C LEU B 180 -7.20 -5.53 -17.88
N ILE B 181 -6.48 -4.86 -16.97
CA ILE B 181 -5.49 -3.88 -17.38
C ILE B 181 -4.09 -4.37 -16.98
N SER B 182 -3.06 -3.89 -17.67
CA SER B 182 -1.76 -4.55 -17.52
C SER B 182 -0.58 -3.60 -17.61
N PRO B 183 0.16 -3.45 -16.51
CA PRO B 183 1.38 -2.64 -16.46
C PRO B 183 2.62 -3.46 -16.79
N GLY B 184 3.74 -2.74 -16.96
CA GLY B 184 5.01 -3.36 -17.32
C GLY B 184 5.34 -3.21 -18.79
N VAL B 185 4.60 -2.33 -19.50
CA VAL B 185 4.83 -2.09 -20.93
C VAL B 185 5.90 -1.03 -21.09
N GLY B 186 6.89 -1.33 -21.94
CA GLY B 186 7.93 -0.36 -22.22
C GLY B 186 9.10 -0.52 -21.31
N ALA B 187 9.15 0.33 -20.28
CA ALA B 187 10.31 0.35 -19.43
C ALA B 187 10.64 -1.00 -18.84
N GLN B 188 9.62 -1.74 -18.40
CA GLN B 188 9.88 -3.02 -17.72
C GLN B 188 10.04 -4.15 -18.72
N GLY B 189 9.82 -3.84 -19.99
CA GLY B 189 10.08 -4.86 -21.03
C GLY B 189 8.86 -5.42 -21.74
N GLY B 190 7.66 -5.14 -21.26
CA GLY B 190 6.46 -5.64 -21.91
C GLY B 190 6.17 -4.97 -23.25
N ASP B 191 5.46 -5.70 -24.10
CA ASP B 191 5.10 -5.23 -25.43
C ASP B 191 3.60 -4.91 -25.56
N PRO B 192 3.24 -3.74 -26.13
CA PRO B 192 1.83 -3.38 -26.24
C PRO B 192 1.00 -4.42 -26.96
N GLY B 193 1.41 -4.77 -28.18
CA GLY B 193 0.65 -5.70 -28.99
C GLY B 193 0.42 -7.06 -28.33
N GLU B 194 1.47 -7.68 -27.80
CA GLU B 194 1.35 -8.99 -27.18
C GLU B 194 0.47 -8.92 -25.91
N THR B 195 0.62 -7.86 -25.15
CA THR B 195 -0.13 -7.74 -23.90
C THR B 195 -1.62 -7.58 -24.21
N LEU B 196 -1.91 -6.85 -25.29
CA LEU B 196 -3.30 -6.62 -25.68
C LEU B 196 -3.95 -7.86 -26.34
N ARG B 197 -3.19 -8.94 -26.51
CA ARG B 197 -3.83 -10.22 -26.81
C ARG B 197 -4.74 -10.70 -25.69
N PHE B 198 -4.41 -10.30 -24.45
CA PHE B 198 -5.09 -10.83 -23.28
C PHE B 198 -5.72 -9.73 -22.44
N ALA B 199 -5.04 -8.60 -22.32
CA ALA B 199 -5.55 -7.47 -21.53
C ALA B 199 -6.45 -6.59 -22.40
N ASP B 200 -7.43 -5.95 -21.79
CA ASP B 200 -8.20 -4.92 -22.46
C ASP B 200 -7.51 -3.58 -22.68
N ALA B 201 -6.64 -3.24 -21.73
CA ALA B 201 -5.88 -1.99 -21.82
C ALA B 201 -4.51 -2.18 -21.22
N ILE B 202 -3.56 -1.40 -21.70
CA ILE B 202 -2.21 -1.40 -21.16
C ILE B 202 -2.01 -0.13 -20.35
N ILE B 203 -1.22 -0.24 -19.28
CA ILE B 203 -0.78 0.90 -18.52
C ILE B 203 0.66 1.23 -18.94
N VAL B 204 0.95 2.52 -19.16
CA VAL B 204 2.32 2.94 -19.55
C VAL B 204 2.68 4.20 -18.77
N GLY B 205 3.83 4.14 -18.07
CA GLY B 205 4.33 5.27 -17.30
C GLY B 205 5.56 5.85 -17.98
N ARG B 206 6.74 5.39 -17.57
CA ARG B 206 8.02 6.01 -17.96
C ARG B 206 8.19 6.15 -19.48
N SER B 207 7.79 5.13 -20.26
CA SER B 207 7.98 5.20 -21.73
C SER B 207 7.31 6.45 -22.30
N ILE B 208 6.24 6.92 -21.63
CA ILE B 208 5.63 8.19 -22.03
C ILE B 208 6.17 9.37 -21.20
N TYR B 209 6.12 9.30 -19.86
CA TYR B 209 6.34 10.54 -19.09
C TYR B 209 7.81 10.96 -18.99
N LEU B 210 8.73 10.02 -19.30
CA LEU B 210 10.18 10.39 -19.34
C LEU B 210 10.67 10.65 -20.77
N ALA B 211 9.78 10.48 -21.75
CA ALA B 211 10.15 10.70 -23.15
C ALA B 211 10.44 12.17 -23.42
N ASP B 212 11.34 12.40 -24.36
CA ASP B 212 11.59 13.79 -24.76
C ASP B 212 10.29 14.44 -25.25
N ASN B 213 9.45 13.67 -25.94
CA ASN B 213 8.17 14.16 -26.45
C ASN B 213 7.11 13.12 -26.06
N PRO B 214 6.51 13.29 -24.88
CA PRO B 214 5.47 12.35 -24.41
C PRO B 214 4.32 12.14 -25.39
N ALA B 215 3.84 13.21 -26.08
CA ALA B 215 2.79 13.05 -27.08
C ALA B 215 3.21 12.11 -28.22
N ALA B 216 4.45 12.26 -28.69
CA ALA B 216 4.99 11.44 -29.77
C ALA B 216 5.14 9.99 -29.28
N ALA B 217 5.58 9.81 -28.03
CA ALA B 217 5.65 8.45 -27.45
C ALA B 217 4.27 7.81 -27.37
N ALA B 218 3.29 8.54 -26.82
CA ALA B 218 1.91 8.03 -26.77
C ALA B 218 1.36 7.71 -28.16
N ALA B 219 1.57 8.61 -29.09
CA ALA B 219 1.07 8.43 -30.46
C ALA B 219 1.67 7.17 -31.10
N GLY B 220 2.95 6.92 -30.85
CA GLY B 220 3.68 5.77 -31.39
C GLY B 220 3.09 4.50 -30.84
N ILE B 221 2.80 4.53 -29.53
CA ILE B 221 2.13 3.36 -28.94
C ILE B 221 0.75 3.10 -29.55
N ILE B 222 -0.06 4.14 -29.73
CA ILE B 222 -1.41 3.97 -30.26
C ILE B 222 -1.37 3.45 -31.71
N GLU B 223 -0.41 3.95 -32.49
CA GLU B 223 -0.25 3.49 -33.87
C GLU B 223 0.01 2.00 -33.88
N SER B 224 0.89 1.53 -33.01
CA SER B 224 1.14 0.09 -32.88
C SER B 224 -0.12 -0.68 -32.39
N ILE B 225 -0.93 -0.06 -31.51
CA ILE B 225 -2.20 -0.66 -31.02
C ILE B 225 -3.25 -0.75 -32.14
N LYS B 226 -3.47 0.36 -32.85
CA LYS B 226 -4.45 0.41 -33.94
C LYS B 226 -4.20 -0.67 -35.00
N ASP B 227 -2.93 -1.03 -35.17
CA ASP B 227 -2.55 -2.06 -36.15
C ASP B 227 -2.99 -3.47 -35.80
N LEU B 228 -3.12 -3.76 -34.50
CA LEU B 228 -3.52 -5.09 -34.03
C LEU B 228 -4.89 -5.54 -34.57
P BMP C . -6.26 -1.63 15.99
OP1 BMP C . -6.74 -2.96 15.49
OP2 BMP C . -7.30 -0.55 15.94
OP3 BMP C . -5.57 -1.71 17.34
O5' BMP C . -5.14 -1.07 14.95
C5' BMP C . -4.21 -1.95 14.33
C4' BMP C . -3.34 -1.03 13.44
O4' BMP C . -2.22 -1.80 12.97
C3' BMP C . -4.07 -0.50 12.23
O3' BMP C . -3.41 0.73 11.86
C2' BMP C . -3.75 -1.59 11.18
O2' BMP C . -3.81 -0.99 9.89
C1' BMP C . -2.33 -1.99 11.55
N1 BMP C . -1.96 -3.38 11.25
C2 BMP C . -2.72 -4.41 11.63
O2 BMP C . -3.77 -4.22 12.29
N3 BMP C . -2.36 -5.67 11.32
C4 BMP C . -1.25 -5.94 10.59
O4 BMP C . -0.97 -7.18 10.35
C5 BMP C . -0.41 -4.91 10.23
C6 BMP C . -0.79 -3.60 10.58
O1 BMP C . -0.09 -2.63 10.26
O3P 6CN D . -5.57 -1.71 17.34
P 6CN D . -6.26 -1.63 15.99
O1P 6CN D . -6.74 -2.96 15.49
O2P 6CN D . -7.30 -0.55 15.94
O5' 6CN D . -5.14 -1.07 14.95
C5' 6CN D . -4.21 -1.95 14.33
C4' 6CN D . -3.34 -1.03 13.44
C3' 6CN D . -4.07 -0.50 12.23
O3' 6CN D . -3.41 0.73 11.86
C2' 6CN D . -3.75 -1.59 11.18
O2' 6CN D . -3.81 -0.99 9.89
O4' 6CN D . -2.22 -1.80 12.97
C1' 6CN D . -2.33 -1.99 11.55
N1 6CN D . -1.96 -3.38 11.25
C6 6CN D . -0.79 -3.60 10.58
C5 6CN D . -0.41 -4.91 10.23
C4 6CN D . -1.25 -5.94 10.59
O4 6CN D . -0.97 -7.18 10.35
N3 6CN D . -2.36 -5.67 11.32
C2 6CN D . -2.72 -4.41 11.63
O2 6CN D . -3.77 -4.22 12.29
C7 6CN D . 0.38 -2.77 10.90
N8 6CN D . 1.31 -2.12 11.11
C1 GOL E . -9.71 12.75 29.51
O1 GOL E . -10.02 11.98 28.38
C2 GOL E . -8.50 13.64 29.36
O2 GOL E . -7.29 12.88 29.14
C3 GOL E . -8.39 14.31 30.72
O3 GOL E . -7.43 15.33 30.62
C1 GOL F . -4.49 -15.17 20.43
O1 GOL F . -4.10 -16.19 21.31
C2 GOL F . -5.95 -14.73 20.57
O2 GOL F . -6.89 -15.81 20.60
C3 GOL F . -6.19 -13.89 19.32
O3 GOL F . -7.53 -13.46 19.34
C1 GOL G . -10.16 2.43 30.38
O1 GOL G . -9.84 2.45 31.75
C2 GOL G . -11.32 3.37 30.18
O2 GOL G . -12.53 2.68 30.38
C3 GOL G . -11.24 3.95 28.78
O3 GOL G . -12.41 4.66 28.48
P BMP H . 6.09 2.07 -15.92
OP1 BMP H . 6.88 0.83 -15.59
OP2 BMP H . 6.86 3.33 -15.71
OP3 BMP H . 5.42 2.02 -17.28
O5' BMP H . 4.92 2.23 -14.82
C5' BMP H . 4.25 1.04 -14.34
C4' BMP H . 3.19 1.60 -13.36
O4' BMP H . 2.28 0.52 -13.04
C3' BMP H . 3.76 2.13 -12.07
O3' BMP H . 2.84 3.12 -11.54
C2' BMP H . 3.75 0.88 -11.18
O2' BMP H . 3.64 1.28 -9.81
C1' BMP H . 2.46 0.18 -11.64
N1 BMP H . 2.45 -1.29 -11.51
C2 BMP H . 3.42 -2.04 -12.05
O2 BMP H . 4.37 -1.51 -12.65
N3 BMP H . 3.39 -3.39 -11.90
C4 BMP H . 2.39 -4.00 -11.24
O4 BMP H . 2.43 -5.29 -11.16
C5 BMP H . 1.33 -3.26 -10.73
C6 BMP H . 1.35 -1.88 -10.91
O1 BMP H . 0.45 -1.16 -10.44
O3P 6CN I . 6.88 0.83 -15.59
P 6CN I . 6.09 2.07 -15.92
O1P 6CN I . 6.86 3.33 -15.71
O2P 6CN I . 5.42 2.02 -17.28
O5' 6CN I . 4.92 2.23 -14.82
C5' 6CN I . 4.25 1.04 -14.34
C4' 6CN I . 3.19 1.60 -13.36
C3' 6CN I . 3.76 2.13 -12.07
O3' 6CN I . 2.84 3.12 -11.54
C2' 6CN I . 3.75 0.88 -11.18
O2' 6CN I . 3.64 1.28 -9.81
O4' 6CN I . 2.28 0.52 -13.04
C1' 6CN I . 2.46 0.18 -11.64
N1 6CN I . 2.45 -1.29 -11.51
C6 6CN I . 1.35 -1.88 -10.91
C5 6CN I . 1.33 -3.26 -10.73
C4 6CN I . 2.39 -4.00 -11.24
O4 6CN I . 2.43 -5.29 -11.16
N3 6CN I . 3.39 -3.39 -11.90
C2 6CN I . 3.42 -2.04 -12.05
O2 6CN I . 4.37 -1.51 -12.65
C7 6CN I . 0.03 -1.28 -11.08
N8 6CN I . -1.01 -0.80 -11.25
C1 GOL J . 9.29 10.47 -27.90
O1 GOL J . 10.37 11.21 -27.37
C2 GOL J . 9.69 9.46 -28.98
O2 GOL J . 10.85 9.85 -29.70
C3 GOL J . 8.55 9.28 -29.96
O3 GOL J . 8.16 7.92 -30.02
#